data_5ERV
#
_entry.id   5ERV
#
_cell.length_a   87.661
_cell.length_b   99.675
_cell.length_c   113.237
_cell.angle_alpha   90.00
_cell.angle_beta   90.00
_cell.angle_gamma   90.00
#
_symmetry.space_group_name_H-M   'I 2 2 2'
#
loop_
_entity.id
_entity.type
_entity.pdbx_description
1 polymer Gephyrin
2 non-polymer "ADENOSINE-5'-DIPHOSPHATE"
3 non-polymer 'MAGNESIUM ION'
4 non-polymer 'TUNGSTEN ION'
5 non-polymer 'ACETATE ION'
6 non-polymer 'CALCIUM ION'
7 non-polymer (4S)-2-METHYL-2,4-PENTANEDIOL
8 non-polymer TUNGSTATE(VI)ION
9 water water
#
_entity_poly.entity_id   1
_entity_poly.type   'polypeptide(L)'
_entity_poly.pdbx_seq_one_letter_code
;MSPFPLTSMDKAFITVLEMTPVLGTEIINYRDGMGRVLAQDVYAKDNLPPFPASVKDGYAVRAADGPGDRFIIGESQAGE
QPTQTVMPGQVMRVTTGAPIPCGADAVVQVEDTELIRESDDGTEELEVRILVQARPGQDIRPIGHDIKRGECVLAKGTHM
GPSEIGLLATVGVTEVEVNKFPVVAVMSTGNELLNPEDDLLPGKIRDSNRSTLLATIQEHGYPTINLGIVGDNPDDLLNA
LNEGISRADVIITSGGVSMGEKDYLKQVLDIDLHAQIHFGRVFMKPGLPTTFATLDIDGVRKIIFALPGNPVSAVVTCNL
FVVPALRKMQGILDPRPTIIKARLSCDVKLDPRPEYHRCILTWHHQEPLPWAQSTGNQMSSRLMSMRSANGLLMLPPKTE
QYVELHKGEVVDVMVIGRL
;
_entity_poly.pdbx_strand_id   A
#
# COMPACT_ATOMS: atom_id res chain seq x y z
N SER A 2 21.01 -3.65 -33.11
CA SER A 2 20.50 -4.73 -33.95
C SER A 2 19.17 -5.22 -33.39
N PRO A 3 18.54 -6.18 -34.08
CA PRO A 3 17.39 -6.84 -33.45
C PRO A 3 17.81 -7.51 -32.14
N PHE A 4 17.29 -6.99 -31.03
CA PHE A 4 17.71 -7.38 -29.69
C PHE A 4 17.35 -8.84 -29.40
N PRO A 5 18.16 -9.52 -28.59
CA PRO A 5 17.77 -10.90 -28.22
C PRO A 5 16.46 -10.99 -27.51
N LEU A 6 15.74 -12.07 -27.74
CA LEU A 6 14.53 -12.33 -27.01
C LEU A 6 14.96 -12.66 -25.60
N THR A 7 14.46 -11.90 -24.64
CA THR A 7 14.75 -12.11 -23.25
C THR A 7 13.61 -12.87 -22.60
N SER A 8 13.87 -13.88 -21.77
CA SER A 8 12.73 -14.56 -21.13
C SER A 8 12.04 -13.60 -20.14
N MET A 9 10.78 -13.89 -19.85
CA MET A 9 10.02 -13.11 -18.89
C MET A 9 10.68 -13.10 -17.52
N ASP A 10 11.18 -14.27 -17.09
CA ASP A 10 11.78 -14.34 -15.76
C ASP A 10 13.04 -13.51 -15.70
N LYS A 11 13.86 -13.57 -16.75
CA LYS A 11 15.08 -12.79 -16.79
C LYS A 11 14.79 -11.27 -16.86
N ALA A 12 13.80 -10.89 -17.66
CA ALA A 12 13.49 -9.48 -17.82
C ALA A 12 13.04 -8.92 -16.47
N PHE A 13 12.20 -9.68 -15.78
CA PHE A 13 11.64 -9.24 -14.52
C PHE A 13 12.75 -9.07 -13.46
N ILE A 14 13.61 -10.07 -13.32
CA ILE A 14 14.74 -9.98 -12.39
C ILE A 14 15.68 -8.85 -12.72
N THR A 15 15.93 -8.66 -14.00
CA THR A 15 16.78 -7.56 -14.46
C THR A 15 16.25 -6.19 -14.04
N VAL A 16 14.96 -5.97 -14.25
CA VAL A 16 14.33 -4.73 -13.76
C VAL A 16 14.56 -4.54 -12.26
N LEU A 17 14.27 -5.55 -11.45
CA LEU A 17 14.45 -5.36 -10.02
C LEU A 17 15.90 -5.19 -9.64
N GLU A 18 16.78 -5.94 -10.27
N GLU A 18 16.81 -5.93 -10.27
CA GLU A 18 18.18 -5.85 -9.89
CA GLU A 18 18.21 -5.85 -9.85
C GLU A 18 18.80 -4.50 -10.24
C GLU A 18 18.90 -4.56 -10.31
N MET A 19 18.37 -3.89 -11.33
CA MET A 19 18.96 -2.65 -11.83
C MET A 19 18.28 -1.37 -11.35
N THR A 20 17.08 -1.51 -10.81
CA THR A 20 16.35 -0.37 -10.24
C THR A 20 16.93 0.06 -8.91
N PRO A 21 17.20 1.38 -8.74
CA PRO A 21 17.72 1.88 -7.46
C PRO A 21 16.64 2.06 -6.38
N VAL A 22 17.04 2.05 -5.11
CA VAL A 22 16.18 2.55 -4.03
C VAL A 22 16.42 4.04 -3.82
N LEU A 23 15.38 4.85 -3.81
CA LEU A 23 15.55 6.28 -3.67
C LEU A 23 16.05 6.66 -2.28
N GLY A 24 16.51 7.90 -2.14
CA GLY A 24 17.00 8.39 -0.86
C GLY A 24 15.85 8.66 0.08
N THR A 25 16.14 9.23 1.23
CA THR A 25 15.14 9.43 2.28
C THR A 25 14.84 10.89 2.49
N GLU A 26 13.74 11.13 3.18
CA GLU A 26 13.32 12.47 3.54
C GLU A 26 12.46 12.42 4.78
N ILE A 27 12.38 13.53 5.50
CA ILE A 27 11.53 13.60 6.68
C ILE A 27 10.14 14.05 6.30
N ILE A 28 9.12 13.36 6.77
CA ILE A 28 7.75 13.77 6.47
C ILE A 28 6.94 13.87 7.75
N ASN A 29 5.81 14.57 7.68
CA ASN A 29 4.83 14.57 8.77
C ASN A 29 4.11 13.24 8.74
N TYR A 30 3.81 12.71 9.92
CA TYR A 30 3.25 11.36 10.02
C TYR A 30 1.91 11.25 9.27
N ARG A 31 1.15 12.33 9.17
CA ARG A 31 -0.13 12.27 8.48
CA ARG A 31 -0.13 12.28 8.47
C ARG A 31 0.03 12.01 6.99
N ASP A 32 1.21 12.31 6.47
CA ASP A 32 1.54 12.06 5.07
C ASP A 32 2.17 10.67 4.85
N GLY A 33 2.08 9.80 5.83
CA GLY A 33 2.79 8.53 5.76
C GLY A 33 2.19 7.38 5.00
N MET A 34 0.97 7.53 4.48
CA MET A 34 0.28 6.40 3.88
C MET A 34 1.08 5.90 2.70
N GLY A 35 1.43 4.62 2.74
CA GLY A 35 2.13 3.93 1.68
C GLY A 35 3.64 4.16 1.69
N ARG A 36 4.14 4.95 2.64
CA ARG A 36 5.56 5.21 2.78
C ARG A 36 6.24 4.06 3.53
N VAL A 37 7.53 3.93 3.33
CA VAL A 37 8.35 2.92 4.03
C VAL A 37 9.27 3.65 4.99
N LEU A 38 9.22 3.24 6.25
CA LEU A 38 10.09 3.84 7.27
C LEU A 38 11.54 3.55 7.00
N ALA A 39 12.36 4.59 7.11
CA ALA A 39 13.78 4.44 6.95
C ALA A 39 14.52 4.57 8.29
N GLN A 40 13.75 4.53 9.37
CA GLN A 40 14.26 4.60 10.73
C GLN A 40 13.41 3.67 11.62
N ASP A 41 14.00 3.17 12.69
CA ASP A 41 13.25 2.58 13.77
C ASP A 41 12.56 3.71 14.54
N VAL A 42 11.39 3.43 15.05
CA VAL A 42 10.66 4.39 15.85
C VAL A 42 10.48 3.86 17.27
N TYR A 43 10.78 4.70 18.26
CA TYR A 43 10.76 4.31 19.67
C TYR A 43 9.71 5.11 20.46
N ALA A 44 9.11 4.46 21.46
CA ALA A 44 8.19 5.11 22.38
C ALA A 44 9.00 5.94 23.38
N LYS A 45 8.58 7.18 23.64
CA LYS A 45 9.24 7.99 24.67
CA LYS A 45 9.25 7.99 24.67
C LYS A 45 8.41 8.08 25.94
N ASP A 46 7.26 7.43 25.94
CA ASP A 46 6.35 7.36 27.09
C ASP A 46 5.80 5.97 27.24
N ASN A 47 5.35 5.63 28.45
CA ASN A 47 4.54 4.43 28.66
C ASN A 47 3.10 4.62 28.17
N LEU A 48 2.49 3.54 27.71
CA LEU A 48 1.05 3.51 27.44
C LEU A 48 0.47 2.33 28.15
N PRO A 49 -0.53 2.54 29.04
CA PRO A 49 -0.93 3.87 29.52
C PRO A 49 0.20 4.42 30.37
N PRO A 50 0.24 5.74 30.54
CA PRO A 50 1.26 6.41 31.38
C PRO A 50 0.90 6.51 32.86
N PHE A 51 -0.33 6.12 33.19
CA PHE A 51 -0.82 5.94 34.57
C PHE A 51 -1.55 4.61 34.60
N PRO A 52 -1.73 4.01 35.78
CA PRO A 52 -2.61 2.85 35.84
C PRO A 52 -4.05 3.24 35.45
N ALA A 53 -4.63 2.55 34.48
CA ALA A 53 -5.90 2.96 33.89
C ALA A 53 -6.98 1.91 34.06
N SER A 54 -8.18 2.37 34.37
CA SER A 54 -9.32 1.48 34.45
C SER A 54 -9.69 0.93 33.07
N VAL A 55 -9.93 -0.37 33.03
CA VAL A 55 -10.55 -1.02 31.86
C VAL A 55 -12.08 -0.90 31.84
N LYS A 56 -12.68 -0.62 33.01
CA LYS A 56 -14.14 -0.63 33.14
C LYS A 56 -14.71 0.62 33.76
N ASP A 57 -16.00 0.83 33.55
CA ASP A 57 -16.80 1.73 34.36
C ASP A 57 -17.14 0.97 35.64
N GLY A 58 -16.79 1.54 36.78
CA GLY A 58 -17.05 0.82 38.01
C GLY A 58 -16.45 1.56 39.17
N TYR A 59 -15.82 0.81 40.07
CA TYR A 59 -15.23 1.35 41.28
C TYR A 59 -13.82 0.82 41.49
N ALA A 60 -12.94 1.73 41.86
CA ALA A 60 -11.60 1.39 42.33
C ALA A 60 -11.70 1.03 43.81
N VAL A 61 -11.26 -0.19 44.14
CA VAL A 61 -11.41 -0.76 45.47
C VAL A 61 -10.08 -1.26 46.00
N ARG A 62 -10.06 -1.59 47.28
CA ARG A 62 -9.01 -2.41 47.89
C ARG A 62 -9.47 -3.84 47.90
N ALA A 63 -8.76 -4.70 47.19
CA ALA A 63 -9.17 -6.10 47.05
C ALA A 63 -9.26 -6.75 48.44
N ALA A 64 -8.39 -6.30 49.34
CA ALA A 64 -8.33 -6.88 50.68
C ALA A 64 -9.59 -6.57 51.46
N ASP A 65 -10.35 -5.56 51.05
CA ASP A 65 -11.63 -5.27 51.74
C ASP A 65 -12.65 -6.37 51.50
N GLY A 66 -12.56 -7.07 50.38
CA GLY A 66 -13.54 -8.07 50.06
C GLY A 66 -14.86 -7.44 49.64
N PRO A 67 -15.90 -8.27 49.47
CA PRO A 67 -17.26 -7.78 49.20
C PRO A 67 -17.81 -7.02 50.39
N GLY A 68 -18.77 -6.13 50.16
CA GLY A 68 -19.46 -5.46 51.25
C GLY A 68 -19.83 -4.06 50.89
N ASP A 69 -20.26 -3.31 51.91
CA ASP A 69 -20.84 -2.00 51.73
C ASP A 69 -19.76 -0.94 51.93
N ARG A 70 -19.69 0.04 51.02
CA ARG A 70 -18.57 0.97 50.95
C ARG A 70 -19.03 2.39 50.75
N PHE A 71 -18.29 3.31 51.35
CA PHE A 71 -18.52 4.73 51.12
C PHE A 71 -17.81 5.15 49.85
N ILE A 72 -18.51 5.86 48.98
CA ILE A 72 -17.91 6.39 47.75
C ILE A 72 -17.29 7.76 48.07
N ILE A 73 -15.96 7.88 48.03
CA ILE A 73 -15.34 9.15 48.45
C ILE A 73 -15.24 10.19 47.35
N GLY A 74 -15.45 9.78 46.11
CA GLY A 74 -15.26 10.69 44.98
C GLY A 74 -15.21 9.96 43.66
N GLU A 75 -14.74 10.62 42.62
CA GLU A 75 -14.82 10.07 41.27
C GLU A 75 -13.48 10.33 40.65
N SER A 76 -12.94 9.38 39.91
CA SER A 76 -11.73 9.62 39.09
C SER A 76 -12.23 9.77 37.68
N GLN A 77 -12.06 10.95 37.11
CA GLN A 77 -12.57 11.19 35.78
C GLN A 77 -11.41 11.19 34.82
N ALA A 78 -11.68 10.72 33.60
CA ALA A 78 -10.67 10.66 32.58
C ALA A 78 -10.09 12.04 32.41
N GLY A 79 -8.77 12.10 32.30
CA GLY A 79 -8.09 13.33 32.01
C GLY A 79 -7.57 14.06 33.24
N GLU A 80 -7.92 13.55 34.40
CA GLU A 80 -7.48 14.18 35.65
C GLU A 80 -6.88 13.16 36.59
N GLN A 81 -5.72 13.49 37.13
CA GLN A 81 -5.08 12.71 38.18
CA GLN A 81 -5.08 12.71 38.18
C GLN A 81 -5.86 12.86 39.48
N PRO A 82 -6.30 11.74 40.08
CA PRO A 82 -6.99 11.87 41.38
C PRO A 82 -6.07 12.39 42.47
N THR A 83 -6.64 13.14 43.41
CA THR A 83 -5.89 13.63 44.56
C THR A 83 -6.17 12.81 45.83
N GLN A 84 -7.34 12.20 45.91
CA GLN A 84 -7.68 11.44 47.13
C GLN A 84 -7.08 10.05 47.16
N THR A 85 -6.87 9.56 48.37
CA THR A 85 -6.42 8.20 48.58
C THR A 85 -7.63 7.42 49.08
N VAL A 86 -7.82 6.26 48.48
CA VAL A 86 -8.83 5.29 48.90
C VAL A 86 -8.33 4.53 50.12
N MET A 87 -9.04 4.64 51.24
CA MET A 87 -8.74 3.88 52.45
C MET A 87 -9.62 2.64 52.60
N PRO A 88 -9.28 1.75 53.57
CA PRO A 88 -10.16 0.61 53.89
C PRO A 88 -11.61 1.07 54.14
N GLY A 89 -12.54 0.38 53.51
CA GLY A 89 -13.94 0.71 53.64
C GLY A 89 -14.45 1.71 52.62
N GLN A 90 -13.56 2.17 51.75
CA GLN A 90 -13.92 3.22 50.79
C GLN A 90 -13.65 2.74 49.36
N VAL A 91 -14.34 3.38 48.42
CA VAL A 91 -14.07 3.16 46.99
C VAL A 91 -14.15 4.48 46.25
N MET A 92 -13.64 4.51 45.03
CA MET A 92 -13.81 5.68 44.17
C MET A 92 -14.43 5.27 42.85
N ARG A 93 -15.40 6.03 42.35
CA ARG A 93 -15.94 5.75 41.02
C ARG A 93 -14.85 5.97 39.99
N VAL A 94 -14.82 5.09 38.99
CA VAL A 94 -13.92 5.24 37.86
C VAL A 94 -14.67 5.00 36.56
N THR A 95 -14.19 5.64 35.51
CA THR A 95 -14.68 5.39 34.16
C THR A 95 -13.58 4.75 33.36
N THR A 96 -13.96 4.18 32.22
CA THR A 96 -12.99 3.54 31.36
C THR A 96 -11.95 4.57 30.90
N GLY A 97 -10.69 4.24 31.12
CA GLY A 97 -9.57 5.09 30.72
C GLY A 97 -9.12 6.05 31.80
N ALA A 98 -9.82 6.07 32.94
CA ALA A 98 -9.49 6.98 34.02
C ALA A 98 -8.37 6.41 34.86
N PRO A 99 -7.63 7.30 35.54
CA PRO A 99 -6.54 6.80 36.37
C PRO A 99 -7.03 6.16 37.66
N ILE A 100 -6.31 5.15 38.12
CA ILE A 100 -6.64 4.50 39.36
C ILE A 100 -6.04 5.35 40.50
N PRO A 101 -6.84 5.73 41.50
CA PRO A 101 -6.33 6.56 42.59
C PRO A 101 -5.41 5.79 43.53
N CYS A 102 -4.61 6.53 44.28
CA CYS A 102 -3.74 5.88 45.25
C CYS A 102 -4.60 5.19 46.26
N GLY A 103 -4.12 4.04 46.71
CA GLY A 103 -4.78 3.31 47.79
C GLY A 103 -5.66 2.19 47.25
N ALA A 104 -6.04 2.27 45.98
CA ALA A 104 -6.88 1.23 45.35
C ALA A 104 -5.98 0.30 44.56
N ASP A 105 -6.37 -0.96 44.44
CA ASP A 105 -5.52 -1.91 43.73
CA ASP A 105 -5.52 -1.91 43.72
C ASP A 105 -6.31 -2.82 42.80
N ALA A 106 -7.62 -2.58 42.67
CA ALA A 106 -8.44 -3.31 41.73
C ALA A 106 -9.66 -2.49 41.30
N VAL A 107 -10.27 -2.90 40.20
CA VAL A 107 -11.51 -2.30 39.74
C VAL A 107 -12.61 -3.36 39.69
N VAL A 108 -13.76 -3.02 40.27
CA VAL A 108 -14.96 -3.83 40.18
C VAL A 108 -15.92 -3.14 39.25
N GLN A 109 -16.35 -3.83 38.20
CA GLN A 109 -17.23 -3.20 37.23
C GLN A 109 -18.60 -2.97 37.82
N VAL A 110 -19.29 -1.95 37.33
CA VAL A 110 -20.56 -1.53 37.92
C VAL A 110 -21.60 -2.68 37.96
N GLU A 111 -21.56 -3.57 36.98
CA GLU A 111 -22.51 -4.70 36.96
C GLU A 111 -22.35 -5.67 38.16
N ASP A 112 -21.21 -5.62 38.85
CA ASP A 112 -20.96 -6.46 40.05
C ASP A 112 -21.14 -5.66 41.34
N THR A 113 -22.01 -4.66 41.25
CA THR A 113 -22.26 -3.78 42.38
C THR A 113 -23.75 -3.48 42.42
N GLU A 114 -24.23 -3.01 43.57
CA GLU A 114 -25.58 -2.45 43.73
C GLU A 114 -25.47 -1.15 44.49
N LEU A 115 -26.05 -0.11 43.94
CA LEU A 115 -26.04 1.19 44.61
C LEU A 115 -26.93 1.17 45.85
N ILE A 116 -26.40 1.70 46.95
CA ILE A 116 -27.14 1.80 48.20
C ILE A 116 -27.78 3.20 48.37
N ARG A 117 -26.97 4.25 48.26
CA ARG A 117 -27.42 5.63 48.50
CA ARG A 117 -27.42 5.63 48.50
C ARG A 117 -26.88 6.60 47.46
N GLU A 118 -27.72 7.55 47.08
CA GLU A 118 -27.28 8.63 46.18
C GLU A 118 -27.73 9.95 46.79
N SER A 119 -27.31 11.07 46.19
CA SER A 119 -27.75 12.37 46.66
C SER A 119 -29.24 12.57 46.31
N ASP A 120 -29.89 13.50 47.00
CA ASP A 120 -31.32 13.79 46.76
C ASP A 120 -31.63 14.09 45.29
N ASP A 121 -30.80 14.91 44.65
CA ASP A 121 -30.99 15.21 43.23
C ASP A 121 -30.66 14.00 42.36
N GLY A 122 -29.95 13.04 42.93
CA GLY A 122 -29.64 11.80 42.25
C GLY A 122 -28.48 11.90 41.27
N THR A 123 -27.64 12.91 41.45
CA THR A 123 -26.51 13.15 40.55
C THR A 123 -25.19 12.66 41.12
N GLU A 124 -25.18 12.32 42.40
CA GLU A 124 -23.97 11.85 43.07
CA GLU A 124 -23.98 11.86 43.07
C GLU A 124 -24.23 10.56 43.84
N GLU A 125 -23.40 9.55 43.59
CA GLU A 125 -23.48 8.28 44.32
C GLU A 125 -22.75 8.41 45.64
N LEU A 126 -23.32 7.86 46.72
CA LEU A 126 -22.73 8.02 48.07
C LEU A 126 -22.26 6.71 48.71
N GLU A 127 -22.98 5.62 48.48
CA GLU A 127 -22.64 4.34 49.06
CA GLU A 127 -22.65 4.34 49.07
C GLU A 127 -22.99 3.21 48.10
N VAL A 128 -22.16 2.18 48.09
CA VAL A 128 -22.29 1.08 47.15
C VAL A 128 -21.95 -0.26 47.78
N ARG A 129 -22.69 -1.28 47.37
CA ARG A 129 -22.38 -2.64 47.73
C ARG A 129 -21.56 -3.36 46.68
N ILE A 130 -20.38 -3.83 47.07
CA ILE A 130 -19.49 -4.57 46.22
C ILE A 130 -19.83 -6.04 46.36
N LEU A 131 -20.18 -6.71 45.25
CA LEU A 131 -20.78 -8.03 45.36
C LEU A 131 -19.78 -9.16 45.17
N VAL A 132 -18.59 -8.82 44.74
CA VAL A 132 -17.58 -9.81 44.38
C VAL A 132 -16.28 -9.60 45.14
N GLN A 133 -15.47 -10.66 45.13
CA GLN A 133 -14.10 -10.59 45.64
C GLN A 133 -13.24 -10.29 44.43
N ALA A 134 -12.67 -9.09 44.41
CA ALA A 134 -11.87 -8.69 43.28
C ALA A 134 -10.55 -9.44 43.29
N ARG A 135 -10.11 -9.85 42.11
CA ARG A 135 -8.77 -10.39 41.94
C ARG A 135 -7.76 -9.23 41.96
N PRO A 136 -6.56 -9.45 42.53
CA PRO A 136 -5.60 -8.35 42.57
C PRO A 136 -5.28 -7.81 41.18
N GLY A 137 -5.36 -6.49 41.02
CA GLY A 137 -5.08 -5.86 39.74
C GLY A 137 -6.18 -6.02 38.71
N GLN A 138 -7.35 -6.52 39.11
CA GLN A 138 -8.33 -6.85 38.08
C GLN A 138 -8.89 -5.57 37.45
N ASP A 139 -9.05 -5.61 36.13
CA ASP A 139 -9.61 -4.54 35.32
C ASP A 139 -8.82 -3.24 35.44
N ILE A 140 -7.51 -3.40 35.61
CA ILE A 140 -6.58 -2.28 35.56
C ILE A 140 -5.51 -2.57 34.53
N ARG A 141 -5.22 -1.58 33.68
CA ARG A 141 -4.08 -1.63 32.76
C ARG A 141 -2.92 -0.96 33.51
N PRO A 142 -1.93 -1.74 33.94
CA PRO A 142 -0.78 -1.09 34.59
C PRO A 142 0.01 -0.16 33.68
N ILE A 143 0.78 0.75 34.27
CA ILE A 143 1.65 1.64 33.52
C ILE A 143 2.50 0.81 32.57
N GLY A 144 2.51 1.15 31.29
CA GLY A 144 3.39 0.44 30.36
C GLY A 144 2.86 -0.89 29.86
N HIS A 145 1.61 -1.21 30.20
CA HIS A 145 1.04 -2.51 29.81
C HIS A 145 1.00 -2.68 28.30
N ASP A 146 0.71 -1.60 27.58
CA ASP A 146 0.59 -1.71 26.13
C ASP A 146 1.86 -1.37 25.41
N ILE A 147 2.48 -0.29 25.85
CA ILE A 147 3.75 0.14 25.30
C ILE A 147 4.64 0.62 26.41
N LYS A 148 5.92 0.24 26.39
CA LYS A 148 6.87 0.74 27.39
C LYS A 148 7.78 1.83 26.85
N ARG A 149 8.09 2.79 27.70
CA ARG A 149 9.04 3.80 27.34
C ARG A 149 10.30 3.08 26.84
N GLY A 150 10.85 3.54 25.71
CA GLY A 150 12.04 2.98 25.10
C GLY A 150 11.87 1.74 24.22
N GLU A 151 10.65 1.19 24.18
CA GLU A 151 10.32 0.11 23.27
C GLU A 151 10.37 0.53 21.80
N CYS A 152 10.85 -0.32 20.93
CA CYS A 152 10.77 -0.05 19.48
C CYS A 152 9.42 -0.47 18.99
N VAL A 153 8.59 0.48 18.55
CA VAL A 153 7.23 0.14 18.18
C VAL A 153 7.07 -0.08 16.68
N LEU A 154 7.95 0.51 15.87
CA LEU A 154 7.95 0.27 14.41
C LEU A 154 9.37 0.13 13.95
N ALA A 155 9.62 -0.91 13.18
CA ALA A 155 10.95 -1.12 12.62
C ALA A 155 11.16 -0.43 11.26
N LYS A 156 12.40 -0.01 10.99
CA LYS A 156 12.74 0.38 9.62
C LYS A 156 12.38 -0.73 8.65
N GLY A 157 11.84 -0.32 7.50
CA GLY A 157 11.39 -1.27 6.47
C GLY A 157 9.89 -1.43 6.48
N THR A 158 9.23 -0.93 7.52
CA THR A 158 7.78 -1.06 7.63
C THR A 158 7.05 -0.20 6.58
N HIS A 159 6.16 -0.84 5.85
CA HIS A 159 5.35 -0.20 4.82
C HIS A 159 4.06 0.24 5.49
N MET A 160 3.85 1.55 5.62
CA MET A 160 2.81 2.06 6.52
C MET A 160 1.39 2.15 5.95
N GLY A 161 0.44 1.66 6.76
CA GLY A 161 -0.97 1.85 6.55
C GLY A 161 -1.59 2.65 7.69
N PRO A 162 -2.93 2.70 7.70
CA PRO A 162 -3.59 3.54 8.70
C PRO A 162 -3.23 3.22 10.15
N SER A 163 -3.07 1.94 10.48
CA SER A 163 -2.78 1.60 11.87
C SER A 163 -1.37 2.02 12.32
N GLU A 164 -0.41 2.02 11.38
CA GLU A 164 0.92 2.51 11.66
C GLU A 164 0.89 4.04 11.89
N ILE A 165 0.07 4.75 11.13
CA ILE A 165 -0.07 6.19 11.33
CA ILE A 165 -0.06 6.18 11.33
C ILE A 165 -0.63 6.43 12.72
N GLY A 166 -1.63 5.64 13.11
CA GLY A 166 -2.19 5.72 14.45
C GLY A 166 -1.19 5.47 15.55
N LEU A 167 -0.30 4.50 15.33
CA LEU A 167 0.75 4.21 16.31
C LEU A 167 1.75 5.37 16.46
N LEU A 168 2.12 6.01 15.35
CA LEU A 168 2.96 7.20 15.42
C LEU A 168 2.29 8.30 16.24
N ALA A 169 1.00 8.50 16.02
CA ALA A 169 0.20 9.47 16.77
C ALA A 169 0.26 9.12 18.28
N THR A 170 0.03 7.86 18.57
CA THR A 170 0.05 7.33 19.95
C THR A 170 1.33 7.69 20.69
N VAL A 171 2.46 7.43 20.08
CA VAL A 171 3.74 7.64 20.72
C VAL A 171 4.28 9.04 20.49
N GLY A 172 3.55 9.87 19.76
CA GLY A 172 3.94 11.26 19.60
C GLY A 172 5.11 11.52 18.66
N VAL A 173 5.34 10.60 17.73
CA VAL A 173 6.44 10.75 16.80
C VAL A 173 5.80 11.23 15.52
N THR A 174 5.79 12.55 15.36
CA THR A 174 5.01 13.19 14.31
C THR A 174 5.81 13.53 13.05
N GLU A 175 7.14 13.38 13.11
CA GLU A 175 7.97 13.47 11.92
C GLU A 175 8.84 12.22 11.83
N VAL A 176 8.88 11.62 10.65
CA VAL A 176 9.63 10.39 10.44
C VAL A 176 10.38 10.39 9.13
N GLU A 177 11.52 9.71 9.15
CA GLU A 177 12.33 9.50 7.98
C GLU A 177 11.78 8.33 7.17
N VAL A 178 11.55 8.58 5.89
CA VAL A 178 11.00 7.59 4.98
C VAL A 178 11.72 7.64 3.64
N ASN A 179 11.57 6.62 2.81
CA ASN A 179 12.04 6.74 1.44
C ASN A 179 11.15 7.66 0.65
N LYS A 180 11.79 8.36 -0.26
CA LYS A 180 11.09 9.19 -1.21
CA LYS A 180 11.09 9.19 -1.21
C LYS A 180 10.23 8.34 -2.15
N PHE A 181 9.22 8.96 -2.73
CA PHE A 181 8.40 8.34 -3.79
C PHE A 181 9.00 8.73 -5.12
N PRO A 182 8.96 7.82 -6.10
CA PRO A 182 9.48 8.25 -7.39
C PRO A 182 8.52 9.18 -8.14
N VAL A 183 9.11 10.12 -8.90
CA VAL A 183 8.36 10.99 -9.77
C VAL A 183 8.43 10.34 -11.15
N VAL A 184 7.27 10.15 -11.80
CA VAL A 184 7.21 9.35 -13.00
C VAL A 184 6.65 10.18 -14.17
N ALA A 185 7.46 10.31 -15.20
CA ALA A 185 7.12 11.11 -16.39
C ALA A 185 6.62 10.16 -17.45
N VAL A 186 5.54 10.54 -18.13
CA VAL A 186 4.96 9.68 -19.14
C VAL A 186 4.80 10.47 -20.44
N MET A 187 5.22 9.83 -21.53
CA MET A 187 5.21 10.40 -22.88
C MET A 187 4.53 9.43 -23.83
N SER A 188 3.82 9.95 -24.83
CA SER A 188 3.37 9.11 -25.94
C SER A 188 4.13 9.50 -27.20
N THR A 189 4.27 8.58 -28.14
CA THR A 189 4.98 8.88 -29.38
C THR A 189 4.16 8.46 -30.60
N GLY A 190 4.26 9.27 -31.63
CA GLY A 190 3.70 8.92 -32.92
C GLY A 190 3.07 10.11 -33.61
N ASN A 191 3.37 10.20 -34.90
CA ASN A 191 2.81 11.26 -35.74
C ASN A 191 1.31 11.18 -35.89
N GLU A 192 0.70 10.03 -35.61
CA GLU A 192 -0.73 9.87 -35.83
C GLU A 192 -1.58 10.31 -34.63
N LEU A 193 -0.92 10.68 -33.53
CA LEU A 193 -1.62 10.87 -32.27
C LEU A 193 -2.11 12.28 -32.06
N LEU A 194 -3.35 12.38 -31.60
CA LEU A 194 -3.96 13.64 -31.20
C LEU A 194 -4.26 13.61 -29.71
N ASN A 195 -4.46 14.78 -29.13
CA ASN A 195 -4.87 14.76 -27.72
C ASN A 195 -6.33 14.30 -27.60
N PRO A 196 -6.70 13.78 -26.44
CA PRO A 196 -8.09 13.37 -26.16
C PRO A 196 -9.10 14.49 -26.41
N GLU A 197 -8.69 15.72 -26.14
CA GLU A 197 -9.54 16.88 -26.33
C GLU A 197 -9.77 17.23 -27.80
N ASP A 198 -9.01 16.62 -28.71
CA ASP A 198 -9.13 16.98 -30.14
C ASP A 198 -10.22 16.23 -30.90
N ASP A 199 -10.86 16.92 -31.82
CA ASP A 199 -11.62 16.20 -32.83
C ASP A 199 -10.66 15.49 -33.78
N LEU A 200 -11.10 14.40 -34.37
CA LEU A 200 -10.25 13.69 -35.32
C LEU A 200 -9.98 14.45 -36.60
N LEU A 201 -8.77 14.20 -37.12
CA LEU A 201 -8.33 14.69 -38.44
C LEU A 201 -7.93 13.48 -39.27
N PRO A 202 -7.86 13.64 -40.61
CA PRO A 202 -7.53 12.46 -41.43
C PRO A 202 -6.21 11.78 -41.04
N GLY A 203 -6.26 10.48 -40.92
CA GLY A 203 -5.08 9.68 -40.65
C GLY A 203 -4.69 9.63 -39.19
N LYS A 204 -5.50 10.25 -38.32
CA LYS A 204 -5.12 10.40 -36.89
CA LYS A 204 -5.11 10.38 -36.92
C LYS A 204 -6.07 9.71 -35.93
N ILE A 205 -5.56 9.44 -34.73
CA ILE A 205 -6.34 8.83 -33.67
C ILE A 205 -6.00 9.55 -32.38
N ARG A 206 -6.81 9.33 -31.37
CA ARG A 206 -6.51 9.93 -30.07
C ARG A 206 -5.52 9.08 -29.27
N ASP A 207 -4.66 9.80 -28.54
CA ASP A 207 -3.73 9.24 -27.59
C ASP A 207 -4.46 8.74 -26.38
N SER A 208 -4.45 7.44 -26.16
CA SER A 208 -5.05 6.89 -24.93
C SER A 208 -4.01 6.38 -23.94
N ASN A 209 -2.85 5.92 -24.41
CA ASN A 209 -1.86 5.34 -23.48
C ASN A 209 -1.43 6.29 -22.38
N ARG A 210 -1.21 7.54 -22.73
CA ARG A 210 -0.74 8.51 -21.74
C ARG A 210 -1.71 8.56 -20.57
N SER A 211 -3.00 8.72 -20.86
CA SER A 211 -4.02 8.71 -19.81
C SER A 211 -4.05 7.42 -18.99
N THR A 212 -4.06 6.30 -19.69
CA THR A 212 -4.10 5.01 -18.99
C THR A 212 -2.88 4.76 -18.09
N LEU A 213 -1.71 5.08 -18.63
CA LEU A 213 -0.46 4.90 -17.85
C LEU A 213 -0.41 5.87 -16.68
N LEU A 214 -0.72 7.14 -16.91
CA LEU A 214 -0.71 8.10 -15.79
C LEU A 214 -1.69 7.65 -14.71
N ALA A 215 -2.86 7.19 -15.09
CA ALA A 215 -3.82 6.77 -14.09
C ALA A 215 -3.35 5.55 -13.32
N THR A 216 -2.68 4.65 -14.03
CA THR A 216 -2.16 3.43 -13.43
C THR A 216 -1.15 3.82 -12.34
N ILE A 217 -0.27 4.75 -12.67
CA ILE A 217 0.76 5.18 -11.72
C ILE A 217 0.16 5.94 -10.55
N GLN A 218 -0.79 6.82 -10.86
CA GLN A 218 -1.46 7.57 -9.82
C GLN A 218 -2.25 6.69 -8.85
N GLU A 219 -2.80 5.59 -9.33
CA GLU A 219 -3.53 4.65 -8.50
C GLU A 219 -2.65 4.09 -7.39
N HIS A 220 -1.37 3.99 -7.69
CA HIS A 220 -0.39 3.52 -6.69
C HIS A 220 0.18 4.64 -5.82
N GLY A 221 -0.20 5.89 -6.05
CA GLY A 221 0.13 6.96 -5.17
C GLY A 221 1.36 7.78 -5.52
N TYR A 222 1.92 7.59 -6.72
CA TYR A 222 3.15 8.23 -7.07
C TYR A 222 2.88 9.48 -7.88
N PRO A 223 3.65 10.55 -7.64
CA PRO A 223 3.56 11.80 -8.39
C PRO A 223 3.93 11.59 -9.83
N THR A 224 3.24 12.28 -10.74
CA THR A 224 3.51 12.09 -12.17
C THR A 224 3.74 13.41 -12.89
N ILE A 225 4.39 13.30 -14.04
CA ILE A 225 4.69 14.41 -14.96
C ILE A 225 4.18 14.02 -16.37
N ASN A 226 3.43 14.89 -16.98
CA ASN A 226 2.85 14.63 -18.30
C ASN A 226 3.72 15.27 -19.36
N LEU A 227 4.45 14.45 -20.12
CA LEU A 227 5.36 14.96 -21.14
C LEU A 227 4.69 15.11 -22.51
N GLY A 228 3.41 14.81 -22.63
CA GLY A 228 2.71 15.06 -23.88
C GLY A 228 2.99 14.04 -24.98
N ILE A 229 2.72 14.48 -26.20
CA ILE A 229 2.85 13.66 -27.40
C ILE A 229 4.10 14.13 -28.11
N VAL A 230 4.93 13.18 -28.53
CA VAL A 230 6.17 13.49 -29.24
C VAL A 230 6.12 12.80 -30.59
N GLY A 231 6.51 13.50 -31.66
CA GLY A 231 6.49 12.93 -33.00
C GLY A 231 7.56 11.87 -33.25
N ASP A 232 7.45 11.18 -34.38
CA ASP A 232 8.42 10.15 -34.79
C ASP A 232 9.59 10.85 -35.44
N ASN A 233 10.43 11.41 -34.60
CA ASN A 233 11.51 12.25 -35.03
C ASN A 233 12.61 12.15 -33.95
N PRO A 234 13.84 11.72 -34.32
CA PRO A 234 14.88 11.53 -33.28
C PRO A 234 15.21 12.76 -32.45
N ASP A 235 15.26 13.95 -33.05
CA ASP A 235 15.59 15.15 -32.27
C ASP A 235 14.52 15.47 -31.22
N ASP A 236 13.26 15.46 -31.65
CA ASP A 236 12.15 15.67 -30.72
C ASP A 236 12.15 14.63 -29.59
N LEU A 237 12.43 13.38 -29.92
CA LEU A 237 12.45 12.34 -28.88
C LEU A 237 13.56 12.61 -27.87
N LEU A 238 14.74 12.99 -28.37
CA LEU A 238 15.83 13.27 -27.49
C LEU A 238 15.52 14.43 -26.59
N ASN A 239 14.94 15.48 -27.14
CA ASN A 239 14.62 16.65 -26.29
C ASN A 239 13.62 16.29 -25.22
N ALA A 240 12.64 15.48 -25.58
CA ALA A 240 11.60 15.07 -24.61
C ALA A 240 12.21 14.20 -23.51
N LEU A 241 13.08 13.28 -23.90
CA LEU A 241 13.71 12.40 -22.93
C LEU A 241 14.57 13.22 -21.96
N ASN A 242 15.29 14.21 -22.48
CA ASN A 242 16.09 15.08 -21.64
C ASN A 242 15.25 15.87 -20.64
N GLU A 243 14.07 16.30 -21.07
CA GLU A 243 13.14 16.94 -20.15
C GLU A 243 12.71 15.97 -19.06
N GLY A 244 12.36 14.75 -19.45
CA GLY A 244 11.93 13.75 -18.48
C GLY A 244 13.01 13.44 -17.46
N ILE A 245 14.24 13.34 -17.95
CA ILE A 245 15.36 13.04 -17.10
C ILE A 245 15.56 14.18 -16.07
N SER A 246 15.37 15.41 -16.50
CA SER A 246 15.52 16.54 -15.59
C SER A 246 14.45 16.61 -14.50
N ARG A 247 13.24 16.20 -14.89
CA ARG A 247 12.04 16.46 -14.10
CA ARG A 247 12.05 16.46 -14.12
C ARG A 247 11.61 15.26 -13.28
N ALA A 248 12.16 14.10 -13.60
CA ALA A 248 11.63 12.88 -13.00
C ALA A 248 12.71 11.84 -12.73
N ASP A 249 12.31 10.83 -11.97
CA ASP A 249 13.16 9.72 -11.57
C ASP A 249 13.06 8.56 -12.57
N VAL A 250 11.88 8.47 -13.19
CA VAL A 250 11.50 7.39 -14.10
C VAL A 250 10.81 8.00 -15.30
N ILE A 251 11.17 7.53 -16.50
CA ILE A 251 10.48 7.92 -17.72
CA ILE A 251 10.49 7.93 -17.72
C ILE A 251 9.83 6.72 -18.32
N ILE A 252 8.54 6.87 -18.64
CA ILE A 252 7.81 5.86 -19.36
C ILE A 252 7.38 6.43 -20.73
N THR A 253 7.75 5.75 -21.80
CA THR A 253 7.29 6.06 -23.15
C THR A 253 6.44 4.90 -23.67
N SER A 254 5.65 5.16 -24.69
CA SER A 254 5.02 4.07 -25.39
C SER A 254 5.12 4.36 -26.86
N GLY A 255 5.11 3.29 -27.65
CA GLY A 255 5.21 3.42 -29.09
C GLY A 255 6.64 3.47 -29.60
N GLY A 256 6.80 3.20 -30.88
CA GLY A 256 8.09 3.35 -31.53
C GLY A 256 9.22 2.43 -31.09
N VAL A 257 8.90 1.25 -30.57
CA VAL A 257 9.94 0.29 -30.12
C VAL A 257 10.02 -1.01 -30.89
N SER A 258 9.21 -1.15 -31.91
CA SER A 258 9.37 -2.30 -32.81
C SER A 258 10.46 -1.93 -33.83
N MET A 259 10.65 -2.77 -34.85
CA MET A 259 11.75 -2.53 -35.79
C MET A 259 11.30 -1.80 -37.07
N GLY A 260 10.16 -1.13 -37.00
CA GLY A 260 9.65 -0.37 -38.14
C GLY A 260 10.52 0.81 -38.55
N GLU A 261 10.23 1.36 -39.72
CA GLU A 261 11.08 2.39 -40.31
C GLU A 261 11.10 3.72 -39.55
N LYS A 262 9.99 4.08 -38.93
CA LYS A 262 9.95 5.33 -38.17
C LYS A 262 9.92 5.05 -36.67
N ASP A 263 10.42 3.88 -36.27
CA ASP A 263 10.56 3.56 -34.84
C ASP A 263 11.97 3.90 -34.41
N TYR A 264 12.12 5.03 -33.73
CA TYR A 264 13.43 5.57 -33.39
C TYR A 264 13.88 5.45 -31.91
N LEU A 265 13.06 4.95 -31.04
CA LEU A 265 13.36 5.09 -29.62
C LEU A 265 14.64 4.40 -29.19
N LYS A 266 14.79 3.13 -29.57
CA LYS A 266 15.97 2.35 -29.19
C LYS A 266 17.25 3.04 -29.64
N GLN A 267 17.26 3.55 -30.88
CA GLN A 267 18.43 4.27 -31.39
CA GLN A 267 18.43 4.27 -31.41
C GLN A 267 18.74 5.54 -30.61
N VAL A 268 17.70 6.30 -30.30
CA VAL A 268 17.88 7.52 -29.55
C VAL A 268 18.43 7.19 -28.14
N LEU A 269 17.87 6.15 -27.51
CA LEU A 269 18.31 5.77 -26.16
C LEU A 269 19.78 5.40 -26.10
N ASP A 270 20.21 4.69 -27.11
CA ASP A 270 21.58 4.18 -27.13
C ASP A 270 22.56 5.26 -27.63
N ILE A 271 22.33 5.76 -28.84
CA ILE A 271 23.34 6.61 -29.50
C ILE A 271 23.31 8.04 -28.97
N ASP A 272 22.12 8.59 -28.77
CA ASP A 272 22.00 10.01 -28.46
C ASP A 272 21.95 10.28 -26.97
N LEU A 273 21.18 9.47 -26.24
CA LEU A 273 21.06 9.65 -24.79
C LEU A 273 22.17 8.94 -24.03
N HIS A 274 22.80 7.96 -24.68
CA HIS A 274 23.87 7.15 -24.09
C HIS A 274 23.41 6.33 -22.88
N ALA A 275 22.20 5.78 -22.99
CA ALA A 275 21.64 4.97 -21.94
C ALA A 275 22.04 3.53 -22.24
N GLN A 276 22.01 2.69 -21.20
CA GLN A 276 22.30 1.27 -21.31
C GLN A 276 20.99 0.49 -21.42
N ILE A 277 20.78 -0.14 -22.55
CA ILE A 277 19.56 -0.88 -22.78
C ILE A 277 19.79 -2.30 -22.31
N HIS A 278 19.05 -2.71 -21.30
CA HIS A 278 19.24 -4.04 -20.73
C HIS A 278 18.49 -5.13 -21.46
N PHE A 279 17.28 -4.85 -21.92
CA PHE A 279 16.63 -5.71 -22.89
C PHE A 279 15.78 -4.85 -23.78
N GLY A 280 15.57 -5.36 -25.01
CA GLY A 280 14.82 -4.63 -26.00
C GLY A 280 13.74 -5.49 -26.64
N ARG A 281 13.70 -6.78 -26.29
CA ARG A 281 12.59 -7.65 -26.62
C ARG A 281 12.39 -8.65 -25.49
N VAL A 282 11.13 -8.97 -25.24
CA VAL A 282 10.76 -9.96 -24.21
C VAL A 282 9.85 -11.01 -24.81
N PHE A 283 10.16 -12.27 -24.55
CA PHE A 283 9.36 -13.40 -25.03
C PHE A 283 8.07 -13.54 -24.21
N MET A 284 7.10 -12.75 -24.60
CA MET A 284 5.84 -12.64 -23.87
C MET A 284 4.75 -12.18 -24.82
N LYS A 285 3.50 -12.44 -24.47
CA LYS A 285 2.36 -12.04 -25.26
C LYS A 285 1.30 -11.40 -24.37
N PRO A 286 0.94 -10.13 -24.63
CA PRO A 286 1.52 -9.20 -25.59
C PRO A 286 2.80 -8.64 -25.01
N GLY A 287 3.55 -7.81 -25.74
CA GLY A 287 4.63 -7.05 -25.12
C GLY A 287 6.00 -7.33 -25.67
N LEU A 288 6.06 -8.01 -26.81
CA LEU A 288 7.30 -8.40 -27.42
C LEU A 288 8.38 -7.29 -27.48
N PRO A 289 8.03 -6.07 -27.90
CA PRO A 289 9.11 -5.10 -28.11
C PRO A 289 9.50 -4.30 -26.85
N THR A 290 8.99 -4.69 -25.68
CA THR A 290 9.24 -3.96 -24.43
C THR A 290 10.74 -3.77 -24.14
N THR A 291 11.11 -2.56 -23.76
CA THR A 291 12.50 -2.12 -23.64
C THR A 291 12.74 -1.46 -22.26
N PHE A 292 13.87 -1.77 -21.62
CA PHE A 292 14.22 -1.28 -20.31
C PHE A 292 15.65 -0.77 -20.37
N ALA A 293 15.84 0.47 -19.96
CA ALA A 293 17.17 1.09 -19.99
C ALA A 293 17.44 1.85 -18.72
N THR A 294 18.72 1.98 -18.39
CA THR A 294 19.11 2.84 -17.26
C THR A 294 20.11 3.86 -17.76
N LEU A 295 20.14 4.98 -17.05
CA LEU A 295 21.06 6.07 -17.38
C LEU A 295 21.65 6.60 -16.09
N ASP A 296 22.97 6.56 -15.97
CA ASP A 296 23.62 7.06 -14.77
C ASP A 296 24.23 8.41 -15.08
N ILE A 297 23.78 9.41 -14.34
CA ILE A 297 24.27 10.77 -14.47
C ILE A 297 24.75 11.27 -13.12
N ASP A 298 26.02 11.60 -13.03
CA ASP A 298 26.64 11.86 -11.74
C ASP A 298 26.47 10.56 -10.96
N GLY A 299 25.90 10.62 -9.76
CA GLY A 299 25.69 9.44 -8.95
C GLY A 299 24.22 9.07 -8.87
N VAL A 300 23.45 9.44 -9.90
CA VAL A 300 22.00 9.18 -9.91
C VAL A 300 21.62 8.26 -11.07
N ARG A 301 20.85 7.21 -10.77
CA ARG A 301 20.41 6.28 -11.81
C ARG A 301 18.95 6.60 -12.17
N LYS A 302 18.76 6.95 -13.44
CA LYS A 302 17.42 7.18 -14.04
C LYS A 302 16.98 5.86 -14.68
N ILE A 303 15.67 5.56 -14.63
CA ILE A 303 15.13 4.37 -15.24
CA ILE A 303 15.21 4.36 -15.31
C ILE A 303 14.16 4.75 -16.36
N ILE A 304 14.23 4.02 -17.46
CA ILE A 304 13.44 4.29 -18.63
C ILE A 304 12.80 3.03 -19.12
N PHE A 305 11.48 3.08 -19.21
CA PHE A 305 10.68 1.98 -19.72
C PHE A 305 10.09 2.46 -21.03
N ALA A 306 10.45 1.78 -22.10
CA ALA A 306 9.89 2.13 -23.40
C ALA A 306 8.94 1.01 -23.78
N LEU A 307 7.66 1.27 -23.55
CA LEU A 307 6.67 0.24 -23.67
C LEU A 307 6.09 0.16 -25.09
N PRO A 308 5.45 -0.96 -25.43
CA PRO A 308 4.90 -1.03 -26.80
C PRO A 308 3.76 -0.03 -27.01
N GLY A 309 3.50 0.35 -28.25
CA GLY A 309 2.46 1.32 -28.50
C GLY A 309 1.06 0.78 -28.45
N ASN A 310 0.88 -0.50 -28.74
CA ASN A 310 -0.46 -1.05 -28.71
C ASN A 310 -1.09 -0.85 -27.32
N PRO A 311 -2.31 -0.28 -27.25
CA PRO A 311 -2.82 0.10 -25.91
C PRO A 311 -2.95 -1.02 -24.89
N VAL A 312 -3.35 -2.20 -25.33
CA VAL A 312 -3.41 -3.32 -24.41
C VAL A 312 -2.00 -3.72 -23.94
N SER A 313 -1.04 -3.77 -24.88
CA SER A 313 0.34 -4.09 -24.50
C SER A 313 0.87 -3.08 -23.50
N ALA A 314 0.57 -1.81 -23.73
CA ALA A 314 1.15 -0.80 -22.84
C ALA A 314 0.66 -0.99 -21.41
N VAL A 315 -0.64 -1.24 -21.22
CA VAL A 315 -1.15 -1.31 -19.86
C VAL A 315 -0.69 -2.63 -19.16
N VAL A 316 -0.54 -3.69 -19.94
CA VAL A 316 -0.12 -4.98 -19.38
C VAL A 316 1.33 -4.92 -18.93
N THR A 317 2.19 -4.38 -19.79
CA THR A 317 3.60 -4.28 -19.45
C THR A 317 3.84 -3.26 -18.36
N CYS A 318 3.03 -2.21 -18.29
CA CYS A 318 3.15 -1.26 -17.20
C CYS A 318 2.94 -1.99 -15.87
N ASN A 319 1.93 -2.85 -15.78
CA ASN A 319 1.65 -3.57 -14.54
C ASN A 319 2.69 -4.64 -14.20
N LEU A 320 3.20 -5.31 -15.22
CA LEU A 320 4.21 -6.36 -15.00
C LEU A 320 5.58 -5.83 -14.60
N PHE A 321 6.03 -4.74 -15.24
CA PHE A 321 7.41 -4.30 -15.09
C PHE A 321 7.54 -2.99 -14.32
N VAL A 322 6.71 -2.02 -14.64
CA VAL A 322 6.89 -0.68 -14.11
C VAL A 322 6.52 -0.65 -12.62
N VAL A 323 5.34 -1.16 -12.29
CA VAL A 323 4.86 -1.06 -10.92
C VAL A 323 5.81 -1.71 -9.91
N PRO A 324 6.32 -2.91 -10.19
CA PRO A 324 7.31 -3.42 -9.25
C PRO A 324 8.58 -2.58 -9.12
N ALA A 325 9.06 -1.99 -10.20
CA ALA A 325 10.25 -1.12 -10.08
C ALA A 325 9.92 0.08 -9.19
N LEU A 326 8.75 0.66 -9.36
CA LEU A 326 8.34 1.83 -8.56
C LEU A 326 8.26 1.46 -7.08
N ARG A 327 7.75 0.26 -6.82
CA ARG A 327 7.69 -0.22 -5.44
C ARG A 327 9.08 -0.40 -4.83
N LYS A 328 10.03 -0.92 -5.60
CA LYS A 328 11.41 -0.97 -5.09
C LYS A 328 12.00 0.43 -4.87
N MET A 329 11.72 1.36 -5.80
CA MET A 329 12.27 2.70 -5.66
C MET A 329 11.78 3.39 -4.38
N GLN A 330 10.51 3.16 -4.00
CA GLN A 330 9.94 3.81 -2.83
C GLN A 330 10.25 3.03 -1.55
N GLY A 331 11.18 2.09 -1.64
CA GLY A 331 11.72 1.42 -0.46
C GLY A 331 11.05 0.15 0.02
N ILE A 332 10.07 -0.35 -0.74
CA ILE A 332 9.43 -1.61 -0.32
C ILE A 332 10.41 -2.79 -0.47
N LEU A 333 10.61 -3.55 0.59
CA LEU A 333 11.73 -4.48 0.61
C LEU A 333 11.52 -5.63 -0.37
N ASP A 334 10.31 -6.18 -0.39
CA ASP A 334 9.94 -7.20 -1.38
C ASP A 334 8.90 -6.61 -2.32
N PRO A 335 9.33 -6.09 -3.47
CA PRO A 335 8.43 -5.30 -4.31
C PRO A 335 7.59 -6.14 -5.26
N ARG A 336 7.69 -7.45 -5.15
CA ARG A 336 6.92 -8.32 -6.04
C ARG A 336 5.42 -8.16 -5.89
N PRO A 337 4.69 -8.30 -6.99
CA PRO A 337 3.23 -8.21 -6.91
C PRO A 337 2.66 -9.44 -6.21
N THR A 338 1.47 -9.30 -5.67
CA THR A 338 0.71 -10.44 -5.13
C THR A 338 0.13 -11.26 -6.28
N ILE A 339 0.45 -12.54 -6.25
CA ILE A 339 -0.07 -13.49 -7.19
C ILE A 339 -0.92 -14.49 -6.43
N ILE A 340 -2.15 -14.67 -6.92
CA ILE A 340 -3.11 -15.53 -6.25
C ILE A 340 -3.51 -16.65 -7.21
N LYS A 341 -4.12 -17.71 -6.69
CA LYS A 341 -4.67 -18.79 -7.52
C LYS A 341 -6.17 -18.57 -7.76
N ALA A 342 -6.57 -18.79 -8.99
CA ALA A 342 -7.96 -18.62 -9.40
C ALA A 342 -8.34 -19.66 -10.43
N ARG A 343 -9.65 -19.84 -10.62
CA ARG A 343 -10.17 -20.78 -11.61
CA ARG A 343 -10.17 -20.78 -11.61
C ARG A 343 -10.52 -20.06 -12.90
N LEU A 344 -10.08 -20.63 -14.00
CA LEU A 344 -10.47 -20.13 -15.31
C LEU A 344 -11.97 -20.25 -15.54
N SER A 345 -12.59 -19.16 -15.97
CA SER A 345 -14.01 -19.16 -16.26
CA SER A 345 -14.01 -19.16 -16.27
C SER A 345 -14.33 -19.63 -17.69
N CYS A 346 -13.29 -19.82 -18.52
CA CYS A 346 -13.48 -20.32 -19.88
C CYS A 346 -12.23 -21.01 -20.42
N ASP A 347 -12.41 -21.85 -21.43
CA ASP A 347 -11.28 -22.56 -22.05
C ASP A 347 -10.36 -21.55 -22.70
N VAL A 348 -9.06 -21.85 -22.72
CA VAL A 348 -8.04 -20.99 -23.31
C VAL A 348 -6.97 -21.81 -24.02
N LYS A 349 -6.59 -21.36 -25.22
CA LYS A 349 -5.51 -21.99 -25.97
C LYS A 349 -4.19 -21.36 -25.54
N LEU A 350 -3.15 -22.18 -25.34
CA LEU A 350 -1.87 -21.65 -24.93
C LEU A 350 -1.02 -21.28 -26.15
N ASP A 351 -0.12 -20.32 -25.92
CA ASP A 351 0.77 -19.82 -26.94
C ASP A 351 2.17 -20.32 -26.58
N PRO A 352 3.10 -20.36 -27.56
CA PRO A 352 4.49 -20.67 -27.20
C PRO A 352 5.06 -19.69 -26.20
N ARG A 353 4.52 -18.47 -26.21
CA ARG A 353 4.92 -17.44 -25.26
C ARG A 353 4.00 -17.45 -24.04
N PRO A 354 4.55 -17.14 -22.86
CA PRO A 354 3.66 -16.84 -21.73
C PRO A 354 2.72 -15.70 -22.11
N GLU A 355 1.44 -15.83 -21.80
CA GLU A 355 0.44 -14.85 -22.17
C GLU A 355 -0.18 -14.17 -20.96
N TYR A 356 -0.47 -12.87 -21.08
CA TYR A 356 -1.02 -12.08 -19.99
C TYR A 356 -2.30 -11.38 -20.44
N HIS A 357 -3.38 -11.49 -19.64
CA HIS A 357 -4.67 -10.87 -19.98
CA HIS A 357 -4.64 -10.86 -19.98
C HIS A 357 -5.34 -10.26 -18.77
N ARG A 358 -5.90 -9.06 -18.93
CA ARG A 358 -6.63 -8.43 -17.83
C ARG A 358 -7.86 -9.29 -17.50
N CYS A 359 -8.23 -9.37 -16.23
CA CYS A 359 -9.37 -10.18 -15.87
C CYS A 359 -10.04 -9.58 -14.66
N ILE A 360 -11.19 -10.16 -14.33
CA ILE A 360 -11.88 -9.76 -13.11
C ILE A 360 -11.95 -10.98 -12.20
N LEU A 361 -11.51 -10.81 -10.98
CA LEU A 361 -11.59 -11.85 -9.95
C LEU A 361 -12.86 -11.68 -9.14
N THR A 362 -13.58 -12.79 -8.96
CA THR A 362 -14.83 -12.83 -8.19
CA THR A 362 -14.82 -12.82 -8.18
C THR A 362 -14.88 -14.07 -7.30
N TRP A 363 -15.28 -13.92 -6.04
CA TRP A 363 -15.55 -15.07 -5.16
C TRP A 363 -17.03 -15.48 -5.20
N HIS A 364 -17.28 -16.78 -5.33
CA HIS A 364 -18.63 -17.31 -5.46
C HIS A 364 -19.12 -18.01 -4.20
N HIS A 365 -19.94 -17.34 -3.43
CA HIS A 365 -20.61 -17.97 -2.32
C HIS A 365 -19.57 -18.52 -1.39
N GLN A 366 -19.54 -19.80 -1.23
CA GLN A 366 -18.66 -20.45 -0.26
C GLN A 366 -17.47 -21.17 -0.91
N GLU A 367 -17.35 -21.07 -2.23
CA GLU A 367 -16.24 -21.73 -2.90
C GLU A 367 -14.93 -21.07 -2.49
N PRO A 368 -13.92 -21.88 -2.17
CA PRO A 368 -12.68 -21.31 -1.64
C PRO A 368 -11.86 -20.50 -2.64
N LEU A 369 -11.88 -20.86 -3.94
CA LEU A 369 -11.08 -20.12 -4.92
C LEU A 369 -11.91 -19.13 -5.72
N PRO A 370 -11.33 -17.96 -6.04
CA PRO A 370 -12.06 -17.06 -6.93
C PRO A 370 -12.05 -17.57 -8.38
N TRP A 371 -12.97 -17.03 -9.17
CA TRP A 371 -13.00 -17.25 -10.59
C TRP A 371 -12.38 -16.04 -11.26
N ALA A 372 -11.63 -16.31 -12.32
CA ALA A 372 -11.00 -15.28 -13.13
C ALA A 372 -11.71 -15.23 -14.44
N GLN A 373 -12.33 -14.08 -14.71
CA GLN A 373 -13.06 -13.83 -15.96
C GLN A 373 -12.30 -12.81 -16.82
N SER A 374 -11.69 -13.27 -17.92
CA SER A 374 -10.99 -12.37 -18.82
C SER A 374 -11.93 -11.27 -19.31
N THR A 375 -11.40 -10.05 -19.38
CA THR A 375 -12.19 -8.89 -19.78
C THR A 375 -12.44 -8.96 -21.28
N SER A 381 -21.77 -11.65 -18.55
CA SER A 381 -22.97 -10.90 -18.17
C SER A 381 -22.76 -9.40 -18.29
N ARG A 382 -23.85 -8.66 -18.34
CA ARG A 382 -23.84 -7.20 -18.35
C ARG A 382 -23.14 -6.63 -17.13
N LEU A 383 -23.52 -7.11 -15.96
CA LEU A 383 -23.06 -6.60 -14.67
C LEU A 383 -21.52 -6.57 -14.54
N MET A 384 -20.87 -7.56 -15.11
CA MET A 384 -19.40 -7.59 -15.12
C MET A 384 -18.79 -6.28 -15.66
N SER A 385 -19.47 -5.64 -16.61
CA SER A 385 -18.89 -4.44 -17.17
C SER A 385 -18.87 -3.29 -16.14
N MET A 386 -19.73 -3.34 -15.13
CA MET A 386 -19.68 -2.34 -14.04
C MET A 386 -18.35 -2.33 -13.28
N ARG A 387 -17.54 -3.38 -13.41
CA ARG A 387 -16.32 -3.49 -12.63
C ARG A 387 -15.06 -3.36 -13.50
N SER A 388 -14.05 -2.74 -12.92
CA SER A 388 -12.79 -2.61 -13.62
C SER A 388 -11.94 -3.84 -13.40
N ALA A 389 -10.98 -4.08 -14.29
CA ALA A 389 -10.08 -5.21 -14.15
C ALA A 389 -9.34 -5.10 -12.81
N ASN A 390 -9.27 -6.20 -12.08
CA ASN A 390 -8.43 -6.25 -10.87
C ASN A 390 -7.37 -7.34 -10.91
N GLY A 391 -7.28 -8.06 -12.01
CA GLY A 391 -6.22 -9.03 -12.12
C GLY A 391 -5.58 -9.09 -13.49
N LEU A 392 -4.42 -9.72 -13.53
CA LEU A 392 -3.74 -10.05 -14.77
C LEU A 392 -3.54 -11.57 -14.78
N LEU A 393 -4.31 -12.25 -15.62
CA LEU A 393 -4.14 -13.69 -15.83
C LEU A 393 -2.75 -13.98 -16.40
N MET A 394 -2.07 -14.99 -15.86
CA MET A 394 -0.71 -15.31 -16.25
C MET A 394 -0.70 -16.74 -16.76
N LEU A 395 -0.85 -16.89 -18.07
CA LEU A 395 -0.95 -18.23 -18.65
C LEU A 395 0.41 -18.78 -19.03
N PRO A 396 0.60 -20.07 -18.76
CA PRO A 396 1.88 -20.70 -19.06
C PRO A 396 2.12 -20.90 -20.56
N PRO A 397 3.40 -20.95 -20.95
CA PRO A 397 3.69 -21.36 -22.33
C PRO A 397 3.16 -22.74 -22.64
N LYS A 398 2.77 -22.96 -23.88
CA LYS A 398 2.27 -24.25 -24.31
C LYS A 398 3.41 -25.27 -24.37
N THR A 399 3.04 -26.54 -24.46
CA THR A 399 4.00 -27.63 -24.61
C THR A 399 3.34 -28.72 -25.43
N GLU A 400 4.08 -29.76 -25.77
CA GLU A 400 3.49 -30.91 -26.46
C GLU A 400 2.39 -31.50 -25.59
N GLN A 401 2.62 -31.51 -24.28
CA GLN A 401 1.64 -32.00 -23.32
C GLN A 401 0.42 -31.08 -23.20
N TYR A 402 0.63 -29.88 -22.67
CA TYR A 402 -0.46 -28.91 -22.45
C TYR A 402 -0.50 -27.85 -23.57
N VAL A 403 -1.62 -27.85 -24.30
CA VAL A 403 -1.83 -26.99 -25.46
C VAL A 403 -3.05 -26.12 -25.21
N GLU A 404 -3.77 -26.43 -24.15
CA GLU A 404 -4.96 -25.68 -23.80
CA GLU A 404 -4.97 -25.69 -23.80
C GLU A 404 -5.21 -25.86 -22.31
N LEU A 405 -5.92 -24.91 -21.72
CA LEU A 405 -6.35 -24.99 -20.34
C LEU A 405 -7.87 -24.95 -20.41
N HIS A 406 -8.52 -25.60 -19.46
CA HIS A 406 -9.97 -25.69 -19.47
C HIS A 406 -10.63 -24.91 -18.35
N LYS A 407 -11.83 -24.43 -18.61
CA LYS A 407 -12.70 -23.86 -17.57
C LYS A 407 -12.56 -24.63 -16.27
N GLY A 408 -12.30 -23.92 -15.17
CA GLY A 408 -12.21 -24.58 -13.88
C GLY A 408 -10.79 -24.91 -13.46
N GLU A 409 -9.85 -24.94 -14.41
CA GLU A 409 -8.47 -25.23 -14.06
C GLU A 409 -7.87 -24.05 -13.31
N VAL A 410 -6.94 -24.33 -12.41
CA VAL A 410 -6.37 -23.31 -11.55
C VAL A 410 -5.18 -22.63 -12.22
N VAL A 411 -5.21 -21.31 -12.24
CA VAL A 411 -4.18 -20.48 -12.86
C VAL A 411 -3.72 -19.37 -11.92
N ASP A 412 -2.52 -18.85 -12.18
CA ASP A 412 -1.95 -17.69 -11.47
C ASP A 412 -2.58 -16.41 -11.96
N VAL A 413 -2.93 -15.52 -11.04
CA VAL A 413 -3.42 -14.19 -11.41
C VAL A 413 -2.70 -13.15 -10.56
N MET A 414 -2.10 -12.17 -11.21
CA MET A 414 -1.47 -11.06 -10.51
C MET A 414 -2.52 -10.03 -10.14
N VAL A 415 -2.54 -9.60 -8.89
CA VAL A 415 -3.49 -8.59 -8.47
C VAL A 415 -3.04 -7.21 -8.92
N ILE A 416 -3.93 -6.48 -9.61
CA ILE A 416 -3.57 -5.15 -10.12
C ILE A 416 -4.54 -4.05 -9.70
N GLY A 417 -5.61 -4.42 -8.99
CA GLY A 417 -6.53 -3.44 -8.42
C GLY A 417 -7.03 -3.85 -7.05
N ARG A 418 -7.68 -2.92 -6.37
CA ARG A 418 -8.35 -3.23 -5.12
C ARG A 418 -9.39 -4.31 -5.42
N LEU A 419 -9.24 -5.46 -4.76
CA LEU A 419 -10.13 -6.58 -4.97
C LEU A 419 -11.56 -6.28 -4.51
#